data_4I9X
#
_entry.id   4I9X
#
_cell.length_a   67.916
_cell.length_b   97.043
_cell.length_c   141.422
_cell.angle_alpha   90.00
_cell.angle_beta   90.00
_cell.angle_gamma   90.00
#
_symmetry.space_group_name_H-M   'P 21 21 21'
#
loop_
_entity.id
_entity.type
_entity.pdbx_description
1 polymer 'Protein UL141'
2 polymer 'Tumor necrosis factor receptor superfamily member 10B'
3 branched 2-acetamido-2-deoxy-beta-D-glucopyranose-(1-4)-2-acetamido-2-deoxy-beta-D-glucopyranose
4 non-polymer 2-acetamido-2-deoxy-beta-D-glucopyranose
5 non-polymer 'CALCIUM ION'
6 non-polymer 'SODIUM ION'
7 water water
#
loop_
_entity_poly.entity_id
_entity_poly.type
_entity_poly.pdbx_seq_one_letter_code
_entity_poly.pdbx_strand_id
1 'polypeptide(L)'
;PFATADIAEK(MSE)WAENYETTSPAPVLVAEGEQVTIPCTV(MSE)THSWP(MSE)VSIRARFCRSHDGSDELILDAVK
GHRL(MSE)NGLQYRLPYATWNFSQLHLGQIFSLTFNVSTDTAG(MSE)YECVLRNYSHGLI(MSE)QRFVILTQLETLS
RPDEPCCTPALGRYSLGDQIWSPTPWRLRNHDCG(MSE)YRGFQRNYFYIGRADAEDCWKPACPDEEPDRCWTVIQRYRL
PGD
;
A,B
2 'polypeptide(L)'
;QQDLAPQQRAAPQQKRSSPSEGLCPPGHHISEDGRDCISCKYGQDYSTHWNDLLFCLRCTRCDSGEVELSPCTTTRNTVC
QCEEGTFREEDSPE(MSE)CRKCRTGCPRG(MSE)VKVGDCTPWSDIECVHKESG
;
C,D
#
# COMPACT_ATOMS: atom_id res chain seq x y z
N PRO A 1 -4.26 35.47 -10.29
CA PRO A 1 -5.19 36.00 -9.28
C PRO A 1 -5.26 35.14 -7.99
N PHE A 2 -5.31 33.82 -8.14
CA PHE A 2 -5.23 32.90 -6.98
C PHE A 2 -3.80 32.41 -6.73
N ALA A 3 -3.45 32.20 -5.46
CA ALA A 3 -2.11 31.70 -5.12
C ALA A 3 -2.04 30.19 -5.36
N THR A 4 -0.97 29.74 -6.00
CA THR A 4 -0.78 28.32 -6.19
C THR A 4 0.49 27.86 -5.50
N ALA A 5 0.67 26.55 -5.46
CA ALA A 5 1.77 25.91 -4.77
C ALA A 5 2.12 24.67 -5.59
N ASP A 6 3.27 24.08 -5.30
CA ASP A 6 3.57 22.77 -5.87
C ASP A 6 4.79 22.17 -5.23
N ILE A 7 5.11 20.94 -5.65
CA ILE A 7 6.39 20.36 -5.33
C ILE A 7 7.37 20.83 -6.39
N ALA A 8 8.48 21.42 -5.95
CA ALA A 8 9.47 21.98 -6.88
C ALA A 8 10.22 20.91 -7.65
N GLU A 9 10.65 19.87 -6.96
CA GLU A 9 11.44 18.79 -7.56
C GLU A 9 10.67 17.53 -7.30
N LYS A 10 9.82 17.14 -8.26
CA LYS A 10 9.03 15.92 -8.17
C LYS A 10 9.88 14.66 -8.43
N TRP A 12 9.23 10.06 -8.45
CA TRP A 12 8.24 8.99 -8.34
C TRP A 12 8.87 7.72 -7.88
N ALA A 13 8.23 7.07 -6.90
CA ALA A 13 8.65 5.75 -6.45
C ALA A 13 8.68 4.76 -7.62
N GLU A 14 9.64 3.83 -7.57
CA GLU A 14 9.79 2.74 -8.56
C GLU A 14 8.48 1.96 -8.84
N ASN A 15 7.72 1.68 -7.80
CA ASN A 15 6.49 0.94 -7.90
C ASN A 15 5.23 1.83 -7.94
N TYR A 16 5.41 3.11 -8.28
CA TYR A 16 4.31 4.08 -8.32
C TYR A 16 3.14 3.60 -9.17
N GLU A 17 3.43 3.12 -10.37
CA GLU A 17 2.36 2.73 -11.27
C GLU A 17 1.66 1.43 -10.85
N THR A 18 2.39 0.51 -10.22
CA THR A 18 1.80 -0.76 -9.77
C THR A 18 0.99 -0.66 -8.48
N THR A 19 1.37 0.26 -7.59
CA THR A 19 0.64 0.47 -6.34
C THR A 19 -0.57 1.40 -6.48
N SER A 20 -0.57 2.30 -7.44
CA SER A 20 -1.67 3.24 -7.60
C SER A 20 -2.81 2.52 -8.30
N PRO A 21 -3.99 2.40 -7.66
CA PRO A 21 -5.16 1.70 -8.29
C PRO A 21 -5.82 2.50 -9.42
N ALA A 22 -6.60 1.80 -10.26
CA ALA A 22 -7.44 2.45 -11.28
C ALA A 22 -8.39 3.49 -10.63
N PRO A 23 -8.79 4.55 -11.40
CA PRO A 23 -9.66 5.55 -10.80
C PRO A 23 -10.99 4.97 -10.36
N VAL A 24 -11.60 5.64 -9.40
CA VAL A 24 -12.77 5.15 -8.71
C VAL A 24 -13.92 6.17 -8.88
N LEU A 25 -15.05 5.67 -9.34
CA LEU A 25 -16.27 6.46 -9.49
C LEU A 25 -17.08 6.38 -8.21
N VAL A 26 -17.32 7.54 -7.59
CA VAL A 26 -17.97 7.60 -6.29
C VAL A 26 -19.11 8.61 -6.38
N ALA A 27 -20.17 8.36 -5.61
CA ALA A 27 -21.33 9.26 -5.56
C ALA A 27 -20.99 10.50 -4.75
N GLU A 28 -21.49 11.66 -5.21
CA GLU A 28 -21.40 12.92 -4.45
C GLU A 28 -22.03 12.77 -3.07
N GLY A 29 -21.38 13.34 -2.04
CA GLY A 29 -21.88 13.25 -0.67
C GLY A 29 -21.30 12.13 0.18
N GLU A 30 -20.75 11.12 -0.51
CA GLU A 30 -20.07 10.04 0.17
C GLU A 30 -18.80 10.56 0.80
N GLN A 31 -18.62 10.21 2.07
CA GLN A 31 -17.38 10.41 2.79
C GLN A 31 -16.37 9.33 2.39
N VAL A 32 -15.22 9.74 1.88
CA VAL A 32 -14.15 8.81 1.55
C VAL A 32 -12.91 9.17 2.39
N THR A 33 -11.97 8.25 2.49
CA THR A 33 -10.67 8.51 3.13
C THR A 33 -9.59 8.07 2.17
N ILE A 34 -8.65 8.98 1.90
CA ILE A 34 -7.44 8.67 1.16
C ILE A 34 -6.47 8.05 2.14
N PRO A 35 -6.14 6.76 1.96
CA PRO A 35 -5.25 6.04 2.88
C PRO A 35 -3.82 6.02 2.40
N CYS A 36 -2.85 6.40 3.27
CA CYS A 36 -1.43 6.42 2.89
C CYS A 36 -0.63 5.62 3.89
N THR A 37 0.16 4.67 3.41
CA THR A 37 1.00 3.83 4.28
C THR A 37 2.43 3.94 3.80
N VAL A 38 3.32 4.34 4.71
CA VAL A 38 4.74 4.42 4.37
C VAL A 38 5.61 3.63 5.35
N THR A 40 8.86 3.22 7.53
CA THR A 40 9.77 4.12 8.20
C THR A 40 10.89 4.50 7.28
N HIS A 41 11.04 5.80 7.11
CA HIS A 41 11.90 6.39 6.11
C HIS A 41 12.59 7.56 6.77
N SER A 42 13.30 8.36 5.99
CA SER A 42 14.17 9.37 6.60
C SER A 42 13.84 10.82 6.23
N TRP A 43 12.79 11.03 5.43
CA TRP A 43 12.27 12.37 5.17
C TRP A 43 11.71 13.01 6.44
N PRO A 44 11.86 14.34 6.58
CA PRO A 44 11.31 15.12 7.70
C PRO A 44 9.77 15.28 7.68
N VAL A 46 5.72 14.35 5.49
CA VAL A 46 4.94 13.61 4.48
C VAL A 46 3.81 14.52 4.04
N SER A 47 3.14 14.21 2.92
CA SER A 47 1.96 14.97 2.59
C SER A 47 0.90 14.23 1.77
N ILE A 48 -0.30 14.79 1.77
CA ILE A 48 -1.36 14.33 0.90
C ILE A 48 -1.56 15.46 -0.12
N ARG A 49 -1.26 15.14 -1.37
CA ARG A 49 -1.16 16.14 -2.40
C ARG A 49 -2.42 16.03 -3.25
N ALA A 50 -3.11 17.15 -3.47
CA ALA A 50 -4.33 17.12 -4.26
C ALA A 50 -4.20 18.00 -5.51
N ARG A 51 -4.68 17.46 -6.62
CA ARG A 51 -4.86 18.20 -7.86
C ARG A 51 -6.29 17.92 -8.26
N PHE A 52 -7.12 18.93 -8.20
CA PHE A 52 -8.54 18.75 -8.43
C PHE A 52 -8.82 18.75 -9.92
N CYS A 53 -9.80 17.95 -10.33
CA CYS A 53 -10.18 17.92 -11.73
C CYS A 53 -10.66 19.28 -12.23
N ARG A 54 -11.40 20.03 -11.40
CA ARG A 54 -11.99 21.29 -11.87
C ARG A 54 -11.25 22.51 -11.34
N SER A 55 -11.16 23.55 -12.17
CA SER A 55 -10.77 24.92 -11.74
C SER A 55 -9.59 24.96 -10.75
N HIS A 56 -8.45 24.41 -11.14
CA HIS A 56 -7.33 24.27 -10.21
C HIS A 56 -6.02 24.25 -10.93
N ASP A 57 -5.04 24.99 -10.41
CA ASP A 57 -3.67 24.95 -10.92
C ASP A 57 -2.66 24.57 -9.81
N GLY A 58 -1.56 23.94 -10.20
CA GLY A 58 -0.56 23.49 -9.23
C GLY A 58 -1.14 22.37 -8.38
N SER A 59 -0.67 22.29 -7.14
CA SER A 59 -1.16 21.27 -6.24
C SER A 59 -1.23 21.75 -4.80
N ASP A 60 -2.21 21.23 -4.05
CA ASP A 60 -2.40 21.64 -2.65
C ASP A 60 -1.99 20.50 -1.73
N GLU A 61 -1.30 20.84 -0.65
CA GLU A 61 -0.76 19.80 0.20
C GLU A 61 -1.11 19.97 1.65
N LEU A 62 -1.53 18.86 2.26
CA LEU A 62 -1.53 18.79 3.70
C LEU A 62 -0.13 18.30 4.13
N ILE A 63 0.70 19.18 4.67
CA ILE A 63 2.03 18.76 5.05
C ILE A 63 1.99 18.41 6.52
N LEU A 64 2.40 17.19 6.82
CA LEU A 64 2.52 16.75 8.20
C LEU A 64 3.97 16.43 8.59
N ASP A 65 4.25 16.51 9.87
CA ASP A 65 5.55 16.10 10.42
C ASP A 65 5.64 14.57 10.32
N ALA A 66 6.74 14.06 9.77
CA ALA A 66 6.84 12.62 9.50
C ALA A 66 6.96 11.75 10.76
N VAL A 67 7.49 12.33 11.84
CA VAL A 67 7.70 11.59 13.09
C VAL A 67 6.45 11.56 13.96
N LYS A 68 5.87 12.73 14.22
CA LYS A 68 4.75 12.79 15.14
C LYS A 68 3.40 13.04 14.47
N GLY A 69 3.42 13.43 13.19
CA GLY A 69 2.17 13.60 12.43
C GLY A 69 1.48 14.95 12.59
N HIS A 70 2.11 15.90 13.27
CA HIS A 70 1.51 17.22 13.45
C HIS A 70 1.38 17.92 12.13
N ARG A 71 0.28 18.63 11.96
CA ARG A 71 0.06 19.47 10.79
C ARG A 71 1.08 20.61 10.74
N LEU A 72 1.78 20.76 9.62
CA LEU A 72 2.74 21.88 9.46
C LEU A 72 2.14 22.95 8.56
N ASN A 74 -1.63 23.34 6.13
CA ASN A 74 -2.76 22.72 5.45
C ASN A 74 -3.03 23.55 4.22
N GLY A 75 -2.41 23.16 3.12
CA GLY A 75 -2.61 23.83 1.83
C GLY A 75 -3.98 23.49 1.22
N LEU A 76 -4.75 22.60 1.86
CA LEU A 76 -6.04 22.04 1.34
C LEU A 76 -7.28 22.76 1.84
N GLN A 77 -7.05 23.71 2.74
CA GLN A 77 -8.10 24.32 3.51
C GLN A 77 -9.16 25.04 2.67
N TYR A 78 -8.74 25.79 1.67
CA TYR A 78 -9.68 26.50 0.82
C TYR A 78 -10.64 25.51 0.19
N ARG A 79 -10.10 24.48 -0.44
CA ARG A 79 -10.89 23.58 -1.26
C ARG A 79 -11.56 22.47 -0.46
N LEU A 80 -10.97 22.08 0.66
CA LEU A 80 -11.57 21.07 1.52
C LEU A 80 -11.64 21.58 2.94
N PRO A 81 -12.53 22.57 3.19
CA PRO A 81 -12.58 23.24 4.50
C PRO A 81 -12.96 22.35 5.68
N TYR A 82 -13.73 21.31 5.43
CA TYR A 82 -14.24 20.45 6.51
C TYR A 82 -13.51 19.10 6.61
N ALA A 83 -12.40 18.97 5.88
CA ALA A 83 -11.56 17.78 5.86
C ALA A 83 -10.89 17.54 7.20
N THR A 84 -10.81 16.27 7.60
CA THR A 84 -10.05 15.89 8.76
C THR A 84 -8.94 14.92 8.33
N TRP A 85 -7.99 14.67 9.21
CA TRP A 85 -6.89 13.79 8.87
C TRP A 85 -6.35 13.09 10.09
N ASN A 86 -5.59 12.03 9.86
CA ASN A 86 -5.22 11.07 10.89
C ASN A 86 -3.76 10.69 10.65
N PHE A 87 -3.06 10.30 11.71
CA PHE A 87 -1.68 9.82 11.58
C PHE A 87 -1.48 8.73 12.61
N SER A 88 -0.97 7.57 12.21
CA SER A 88 -0.70 6.47 13.16
C SER A 88 0.75 5.96 13.06
N GLN A 89 1.42 5.88 14.20
CA GLN A 89 2.79 5.43 14.21
C GLN A 89 2.76 3.92 14.38
N LEU A 90 3.25 3.16 13.39
CA LEU A 90 3.23 1.69 13.47
C LEU A 90 4.62 1.13 13.77
N HIS A 91 5.55 2.02 14.11
CA HIS A 91 6.98 1.66 14.30
C HIS A 91 7.66 1.23 13.03
N LEU A 92 7.17 0.17 12.42
CA LEU A 92 7.71 -0.24 11.12
C LEU A 92 7.32 0.77 10.01
N GLY A 93 6.34 1.61 10.29
CA GLY A 93 5.94 2.62 9.32
C GLY A 93 4.87 3.50 9.90
N GLN A 94 4.41 4.47 9.13
CA GLN A 94 3.32 5.32 9.56
C GLN A 94 2.13 5.23 8.56
N ILE A 95 0.91 5.33 9.07
CA ILE A 95 -0.25 5.52 8.18
C ILE A 95 -0.74 6.92 8.41
N PHE A 96 -0.98 7.66 7.35
CA PHE A 96 -1.58 8.96 7.50
C PHE A 96 -2.72 9.03 6.49
N SER A 97 -3.74 9.84 6.75
CA SER A 97 -4.95 9.76 5.86
C SER A 97 -5.72 11.03 5.87
N LEU A 98 -6.64 11.19 4.90
CA LEU A 98 -7.42 12.39 4.72
C LEU A 98 -8.86 12.03 4.41
N THR A 99 -9.78 12.56 5.21
CA THR A 99 -11.20 12.25 5.12
C THR A 99 -12.02 13.50 4.71
N PHE A 100 -12.91 13.30 3.73
CA PHE A 100 -13.72 14.38 3.16
C PHE A 100 -14.93 13.79 2.44
N ASN A 101 -15.96 14.63 2.26
CA ASN A 101 -17.14 14.30 1.46
C ASN A 101 -16.89 14.62 0.00
N VAL A 102 -17.16 13.66 -0.89
CA VAL A 102 -16.90 13.84 -2.31
C VAL A 102 -17.93 14.75 -2.97
N SER A 103 -17.46 15.74 -3.73
CA SER A 103 -18.30 16.56 -4.58
C SER A 103 -17.59 16.79 -5.92
N THR A 104 -18.28 17.48 -6.84
CA THR A 104 -17.70 17.81 -8.14
C THR A 104 -16.38 18.60 -8.01
N ASP A 105 -16.30 19.46 -7.00
CA ASP A 105 -15.11 20.31 -6.84
C ASP A 105 -13.99 19.63 -6.05
N THR A 106 -14.24 18.40 -5.57
CA THR A 106 -13.24 17.63 -4.82
C THR A 106 -12.79 16.33 -5.51
N ALA A 107 -13.43 15.99 -6.64
CA ALA A 107 -12.89 15.00 -7.59
C ALA A 107 -11.43 15.36 -7.94
N GLY A 108 -10.52 14.39 -7.96
CA GLY A 108 -9.14 14.77 -8.13
C GLY A 108 -8.16 13.64 -7.99
N TYR A 110 -5.17 12.33 -5.94
CA TYR A 110 -4.71 12.46 -4.56
C TYR A 110 -3.54 11.57 -4.38
N GLU A 111 -2.46 12.11 -3.80
CA GLU A 111 -1.20 11.39 -3.69
C GLU A 111 -0.55 11.39 -2.32
N CYS A 112 0.07 10.26 -2.00
CA CYS A 112 0.88 10.09 -0.79
C CYS A 112 2.31 10.43 -1.16
N VAL A 113 2.92 11.36 -0.41
CA VAL A 113 4.21 11.94 -0.80
C VAL A 113 5.14 11.98 0.41
N LEU A 114 6.42 11.64 0.25
CA LEU A 114 7.45 11.90 1.26
C LEU A 114 8.08 13.21 0.86
N ARG A 115 8.34 14.10 1.83
CA ARG A 115 8.54 15.47 1.48
C ARG A 115 9.70 16.12 2.23
N ASN A 116 10.47 16.91 1.50
CA ASN A 116 11.24 17.94 2.17
C ASN A 116 10.90 19.30 1.54
N TYR A 117 11.70 20.32 1.81
CA TYR A 117 11.33 21.67 1.41
C TYR A 117 11.35 21.92 -0.09
N SER A 118 12.10 21.09 -0.81
CA SER A 118 12.29 21.26 -2.23
C SER A 118 11.84 20.06 -3.05
N HIS A 119 11.87 18.88 -2.42
CA HIS A 119 11.62 17.61 -3.11
C HIS A 119 10.47 16.89 -2.53
N GLY A 120 9.74 16.15 -3.36
CA GLY A 120 8.72 15.21 -2.89
C GLY A 120 8.82 13.91 -3.67
N LEU A 121 8.78 12.77 -2.97
CA LEU A 121 8.78 11.43 -3.55
C LEU A 121 7.33 10.98 -3.58
N ILE A 122 6.72 10.99 -4.76
CA ILE A 122 5.33 10.57 -4.88
C ILE A 122 5.26 9.03 -4.83
N GLN A 124 2.30 7.02 -4.36
CA GLN A 124 1.05 6.34 -4.68
C GLN A 124 -0.02 7.37 -5.02
N ARG A 125 -0.82 7.11 -6.05
CA ARG A 125 -1.87 8.03 -6.47
C ARG A 125 -3.24 7.37 -6.40
N PHE A 126 -4.24 8.09 -5.89
CA PHE A 126 -5.67 7.70 -5.97
C PHE A 126 -6.39 8.74 -6.77
N VAL A 127 -7.25 8.31 -7.69
CA VAL A 127 -8.02 9.23 -8.54
C VAL A 127 -9.50 9.02 -8.21
N ILE A 128 -10.11 10.06 -7.66
CA ILE A 128 -11.50 10.04 -7.22
C ILE A 128 -12.29 10.84 -8.23
N LEU A 129 -13.21 10.15 -8.90
CA LEU A 129 -14.07 10.76 -9.92
C LEU A 129 -15.55 10.78 -9.46
N THR A 130 -16.29 11.80 -9.86
CA THR A 130 -17.75 11.84 -9.63
C THR A 130 -18.55 11.61 -10.91
N GLN A 131 -17.91 11.86 -12.06
CA GLN A 131 -18.58 11.73 -13.35
C GLN A 131 -17.65 11.26 -14.48
N LEU A 132 -18.21 10.47 -15.39
CA LEU A 132 -17.49 9.97 -16.56
C LEU A 132 -18.29 10.19 -17.83
N GLU A 133 -17.66 10.77 -18.85
CA GLU A 133 -18.40 11.10 -20.08
C GLU A 133 -17.90 10.30 -21.28
N THR A 134 -18.80 10.03 -22.23
CA THR A 134 -18.49 9.15 -23.37
C THR A 134 -19.22 9.56 -24.65
N LEU A 135 -18.76 9.06 -25.79
CA LEU A 135 -19.31 9.40 -27.10
C LEU A 135 -19.71 8.18 -27.92
N SER A 136 -20.88 8.24 -28.57
CA SER A 136 -21.26 7.34 -29.69
C SER A 136 -22.59 7.75 -30.32
N THR A 144 -24.07 1.15 -21.15
CA THR A 144 -23.76 0.91 -19.74
C THR A 144 -22.76 -0.24 -19.57
N PRO A 145 -21.49 0.08 -19.28
CA PRO A 145 -20.47 -0.94 -19.06
C PRO A 145 -20.66 -1.65 -17.73
N ALA A 146 -20.22 -2.91 -17.65
CA ALA A 146 -20.43 -3.72 -16.46
C ALA A 146 -19.44 -3.33 -15.35
N LEU A 147 -19.67 -2.14 -14.79
CA LEU A 147 -18.83 -1.61 -13.73
C LEU A 147 -18.84 -2.54 -12.53
N GLY A 148 -17.65 -2.93 -12.09
CA GLY A 148 -17.52 -3.77 -10.94
C GLY A 148 -16.90 -3.02 -9.78
N ARG A 149 -16.73 -3.76 -8.70
CA ARG A 149 -15.95 -3.31 -7.57
C ARG A 149 -14.47 -3.54 -7.93
N TYR A 150 -13.54 -3.29 -7.02
CA TYR A 150 -12.12 -3.31 -7.40
C TYR A 150 -11.53 -4.68 -7.77
N SER A 151 -10.81 -4.71 -8.88
CA SER A 151 -10.00 -5.86 -9.22
C SER A 151 -8.73 -5.32 -9.88
N LEU A 152 -7.58 -5.89 -9.52
CA LEU A 152 -6.31 -5.42 -10.08
C LEU A 152 -6.45 -5.15 -11.60
N GLY A 153 -5.95 -4.01 -12.05
CA GLY A 153 -5.91 -3.71 -13.47
C GLY A 153 -6.08 -2.26 -13.83
N ASP A 154 -6.38 -2.03 -15.10
CA ASP A 154 -6.55 -0.69 -15.64
C ASP A 154 -8.03 -0.34 -15.75
N GLN A 155 -8.84 -1.01 -14.94
CA GLN A 155 -10.27 -0.93 -15.08
C GLN A 155 -10.90 0.03 -14.07
N ILE A 156 -11.45 1.13 -14.58
CA ILE A 156 -12.30 2.02 -13.77
C ILE A 156 -13.39 1.21 -13.03
N TRP A 157 -13.64 1.56 -11.78
CA TRP A 157 -14.47 0.75 -10.90
C TRP A 157 -15.10 1.66 -9.88
N SER A 158 -15.93 1.08 -9.02
CA SER A 158 -16.66 1.83 -8.00
C SER A 158 -16.86 0.95 -6.75
N PRO A 159 -17.00 1.58 -5.56
CA PRO A 159 -17.37 0.79 -4.40
C PRO A 159 -18.85 0.35 -4.43
N THR A 160 -19.71 1.12 -5.10
CA THR A 160 -21.15 0.84 -5.12
C THR A 160 -21.68 0.80 -6.57
N PRO A 161 -21.18 -0.13 -7.39
CA PRO A 161 -21.43 -0.02 -8.83
C PRO A 161 -22.88 -0.32 -9.22
N TRP A 162 -23.64 -0.93 -8.32
CA TRP A 162 -25.04 -1.26 -8.57
C TRP A 162 -25.86 -0.01 -8.72
N ARG A 163 -25.30 1.13 -8.31
CA ARG A 163 -25.96 2.43 -8.43
C ARG A 163 -25.47 3.30 -9.60
N LEU A 164 -24.86 2.66 -10.58
CA LEU A 164 -24.42 3.37 -11.78
C LEU A 164 -25.63 3.86 -12.60
N ARG A 165 -25.65 5.15 -12.93
CA ARG A 165 -26.72 5.74 -13.75
C ARG A 165 -26.17 6.35 -15.04
N ASN A 166 -27.07 6.70 -15.95
CA ASN A 166 -26.73 7.09 -17.32
C ASN A 166 -27.51 8.32 -17.78
N HIS A 167 -27.03 9.52 -17.45
CA HIS A 167 -27.76 10.76 -17.77
C HIS A 167 -27.70 11.13 -19.23
N ARG A 177 -22.85 11.29 -26.78
CA ARG A 177 -22.53 12.10 -25.59
C ARG A 177 -23.29 11.62 -24.35
N ASN A 178 -22.76 10.58 -23.71
CA ASN A 178 -23.34 10.04 -22.48
C ASN A 178 -22.62 10.54 -21.23
N TYR A 179 -23.26 10.34 -20.10
CA TYR A 179 -22.78 10.82 -18.82
C TYR A 179 -23.01 9.73 -17.75
N PHE A 180 -21.93 9.29 -17.10
CA PHE A 180 -22.02 8.25 -16.07
C PHE A 180 -21.65 8.81 -14.71
N TYR A 181 -22.40 8.39 -13.71
CA TYR A 181 -22.18 8.78 -12.33
C TYR A 181 -22.84 7.74 -11.41
N ILE A 182 -22.57 7.86 -10.11
CA ILE A 182 -23.17 6.95 -9.14
C ILE A 182 -24.24 7.74 -8.43
N GLY A 183 -25.48 7.26 -8.54
CA GLY A 183 -26.61 7.87 -7.85
C GLY A 183 -26.46 7.77 -6.35
N ARG A 184 -26.88 8.81 -5.64
CA ARG A 184 -26.95 8.78 -4.17
C ARG A 184 -27.84 7.63 -3.67
N ALA A 185 -27.59 7.18 -2.44
CA ALA A 185 -28.26 6.01 -1.84
C ALA A 185 -29.79 6.09 -1.75
N PRO A 196 -24.64 18.57 -16.93
CA PRO A 196 -23.34 18.52 -17.63
C PRO A 196 -22.47 19.75 -17.36
N ASP A 197 -21.40 19.94 -18.14
CA ASP A 197 -20.46 21.08 -17.98
C ASP A 197 -19.64 21.36 -19.27
N GLU A 198 -18.61 22.20 -19.17
CA GLU A 198 -17.73 22.52 -20.31
C GLU A 198 -16.31 23.00 -19.94
N GLU A 199 -16.08 23.29 -18.65
CA GLU A 199 -14.74 23.64 -18.13
C GLU A 199 -13.74 22.48 -18.32
N PRO A 200 -12.46 22.79 -18.55
CA PRO A 200 -11.51 21.68 -18.76
C PRO A 200 -11.40 20.72 -17.57
N ASP A 201 -11.17 19.43 -17.85
CA ASP A 201 -10.99 18.43 -16.82
C ASP A 201 -9.52 18.07 -16.71
N ARG A 202 -8.86 18.63 -15.69
CA ARG A 202 -7.45 18.41 -15.42
C ARG A 202 -7.09 16.93 -15.19
N CYS A 203 -8.10 16.08 -14.98
CA CYS A 203 -7.86 14.66 -14.71
C CYS A 203 -7.83 13.81 -15.99
N TRP A 204 -8.12 14.44 -17.13
CA TRP A 204 -8.24 13.71 -18.39
C TRP A 204 -7.00 12.95 -18.78
N THR A 205 -5.80 13.54 -18.64
CA THR A 205 -4.59 12.85 -19.13
C THR A 205 -4.24 11.59 -18.36
N VAL A 206 -4.80 11.48 -17.15
CA VAL A 206 -4.64 10.29 -16.33
C VAL A 206 -5.80 9.30 -16.52
N ILE A 207 -7.03 9.80 -16.61
CA ILE A 207 -8.20 8.94 -16.86
C ILE A 207 -8.02 8.11 -18.12
N GLN A 208 -7.49 8.73 -19.16
CA GLN A 208 -7.41 8.14 -20.50
C GLN A 208 -6.47 6.94 -20.54
N ARG A 209 -5.56 6.86 -19.58
CA ARG A 209 -4.66 5.71 -19.46
C ARG A 209 -5.30 4.48 -18.81
N TYR A 210 -6.60 4.57 -18.53
CA TYR A 210 -7.35 3.46 -17.96
C TYR A 210 -8.55 3.22 -18.86
N ARG A 211 -9.33 2.17 -18.59
CA ARG A 211 -10.49 1.86 -19.41
C ARG A 211 -11.72 1.48 -18.62
N LEU A 212 -12.87 1.71 -19.25
CA LEU A 212 -14.13 1.17 -18.75
C LEU A 212 -14.17 -0.34 -19.03
N PRO A 213 -14.98 -1.09 -18.28
CA PRO A 213 -15.12 -2.52 -18.55
C PRO A 213 -15.69 -2.83 -19.94
N PRO B 1 0.89 -34.19 16.30
CA PRO B 1 0.88 -33.31 17.48
C PRO B 1 -0.01 -32.08 17.27
N PHE B 2 0.58 -30.90 17.02
CA PHE B 2 -0.15 -29.64 16.84
C PHE B 2 -1.07 -29.63 15.61
N ALA B 3 -2.33 -29.21 15.80
CA ALA B 3 -3.25 -28.96 14.67
C ALA B 3 -2.75 -27.79 13.82
N THR B 4 -2.83 -27.94 12.50
CA THR B 4 -2.40 -26.89 11.61
C THR B 4 -3.51 -26.45 10.67
N ALA B 5 -3.27 -25.31 10.02
CA ALA B 5 -4.22 -24.69 9.12
C ALA B 5 -3.48 -24.12 7.91
N ASP B 6 -4.25 -23.79 6.88
CA ASP B 6 -3.70 -23.09 5.73
C ASP B 6 -4.87 -22.60 4.90
N ILE B 7 -4.54 -21.90 3.81
CA ILE B 7 -5.52 -21.56 2.76
C ILE B 7 -5.49 -22.67 1.70
N ALA B 8 -6.64 -23.27 1.42
CA ALA B 8 -6.68 -24.41 0.51
C ALA B 8 -6.17 -24.08 -0.90
N GLU B 9 -6.57 -22.93 -1.42
CA GLU B 9 -6.29 -22.57 -2.83
C GLU B 9 -5.79 -21.15 -2.83
N LYS B 10 -4.46 -21.00 -2.78
CA LYS B 10 -3.81 -19.70 -2.76
C LYS B 10 -3.70 -19.03 -4.14
N TRP B 12 -2.10 -15.16 -5.87
CA TRP B 12 -1.37 -13.93 -5.60
C TRP B 12 -1.79 -12.81 -6.52
N ALA B 13 -1.94 -11.62 -5.94
CA ALA B 13 -2.14 -10.40 -6.71
C ALA B 13 -0.99 -10.17 -7.70
N GLU B 14 -1.34 -9.62 -8.86
CA GLU B 14 -0.39 -9.26 -9.91
C GLU B 14 0.82 -8.49 -9.41
N ASN B 15 0.58 -7.56 -8.48
CA ASN B 15 1.62 -6.66 -7.96
C ASN B 15 2.13 -7.07 -6.58
N TYR B 16 1.89 -8.32 -6.20
CA TYR B 16 2.29 -8.84 -4.91
C TYR B 16 3.76 -8.53 -4.60
N GLU B 17 4.64 -8.84 -5.56
CA GLU B 17 6.08 -8.66 -5.41
C GLU B 17 6.48 -7.21 -5.31
N THR B 18 5.93 -6.36 -6.18
CA THR B 18 6.26 -4.92 -6.16
C THR B 18 5.68 -4.12 -5.00
N THR B 19 4.60 -4.60 -4.39
CA THR B 19 4.06 -3.91 -3.23
C THR B 19 4.58 -4.44 -1.88
N SER B 20 5.17 -5.63 -1.87
CA SER B 20 5.63 -6.21 -0.62
C SER B 20 7.05 -5.65 -0.40
N PRO B 21 7.29 -5.01 0.73
CA PRO B 21 8.64 -4.46 0.93
C PRO B 21 9.67 -5.48 1.43
N ALA B 22 10.95 -5.22 1.19
CA ALA B 22 12.03 -6.03 1.76
C ALA B 22 11.81 -6.29 3.25
N PRO B 23 12.37 -7.41 3.76
CA PRO B 23 12.23 -7.77 5.14
C PRO B 23 12.76 -6.64 6.02
N VAL B 24 12.29 -6.59 7.27
CA VAL B 24 12.67 -5.55 8.20
C VAL B 24 13.17 -6.13 9.52
N LEU B 25 14.28 -5.61 10.01
CA LEU B 25 14.88 -6.09 11.22
C LEU B 25 14.44 -5.15 12.35
N VAL B 26 13.77 -5.73 13.34
CA VAL B 26 13.17 -4.99 14.44
C VAL B 26 13.70 -5.55 15.76
N ALA B 27 13.85 -4.69 16.77
CA ALA B 27 14.23 -5.11 18.12
C ALA B 27 13.14 -5.91 18.82
N GLU B 28 13.55 -6.97 19.51
CA GLU B 28 12.63 -7.74 20.35
C GLU B 28 11.93 -6.84 21.35
N GLY B 29 10.62 -7.04 21.52
CA GLY B 29 9.85 -6.24 22.45
C GLY B 29 9.35 -4.91 21.91
N GLU B 30 9.71 -4.56 20.67
CA GLU B 30 9.09 -3.38 20.04
C GLU B 30 7.68 -3.75 19.62
N GLN B 31 6.75 -2.84 19.86
CA GLN B 31 5.39 -2.97 19.33
C GLN B 31 5.36 -2.56 17.86
N VAL B 32 4.92 -3.46 16.98
CA VAL B 32 4.76 -3.14 15.58
C VAL B 32 3.30 -3.36 15.16
N THR B 33 2.94 -2.89 13.97
CA THR B 33 1.59 -3.13 13.41
C THR B 33 1.71 -3.54 11.97
N ILE B 34 1.05 -4.64 11.61
CA ILE B 34 0.95 -5.02 10.20
C ILE B 34 -0.26 -4.28 9.64
N PRO B 35 -0.04 -3.36 8.68
CA PRO B 35 -1.17 -2.57 8.11
C PRO B 35 -1.63 -3.13 6.80
N CYS B 36 -2.93 -3.29 6.60
CA CYS B 36 -3.41 -3.86 5.35
C CYS B 36 -4.44 -2.95 4.74
N THR B 37 -4.17 -2.44 3.54
CA THR B 37 -5.14 -1.58 2.88
C THR B 37 -5.66 -2.31 1.67
N VAL B 38 -6.98 -2.29 1.52
CA VAL B 38 -7.63 -2.98 0.41
C VAL B 38 -8.75 -2.11 -0.21
N THR B 40 -12.24 -1.41 -2.01
CA THR B 40 -13.53 -2.14 -1.96
C THR B 40 -13.57 -3.24 -2.99
N HIS B 41 -14.05 -4.43 -2.59
CA HIS B 41 -13.99 -5.67 -3.36
C HIS B 41 -15.20 -6.53 -3.04
N SER B 42 -15.19 -7.76 -3.51
CA SER B 42 -16.39 -8.57 -3.42
C SER B 42 -16.18 -9.90 -2.69
N TRP B 43 -15.08 -10.04 -1.95
CA TRP B 43 -14.89 -11.20 -1.08
C TRP B 43 -15.66 -11.04 0.20
N PRO B 44 -16.15 -12.16 0.77
CA PRO B 44 -16.89 -12.05 2.04
C PRO B 44 -16.01 -11.78 3.28
N VAL B 46 -11.72 -11.11 5.08
CA VAL B 46 -10.32 -10.73 4.85
C VAL B 46 -9.46 -11.35 5.95
N SER B 47 -8.15 -11.48 5.75
CA SER B 47 -7.40 -12.07 6.82
C SER B 47 -5.95 -11.56 6.94
N ILE B 48 -5.38 -11.74 8.10
CA ILE B 48 -3.95 -11.52 8.24
C ILE B 48 -3.36 -12.86 8.54
N ARG B 49 -2.48 -13.30 7.64
CA ARG B 49 -2.02 -14.66 7.55
C ARG B 49 -0.60 -14.63 8.05
N ALA B 50 -0.26 -15.56 8.94
CA ALA B 50 1.06 -15.57 9.57
C ALA B 50 1.68 -16.92 9.34
N ARG B 51 2.93 -16.93 8.84
CA ARG B 51 3.81 -18.11 8.88
C ARG B 51 5.05 -17.69 9.67
N PHE B 52 5.19 -18.18 10.91
CA PHE B 52 6.33 -17.84 11.77
C PHE B 52 7.62 -18.54 11.32
N CYS B 53 8.74 -17.85 11.48
CA CYS B 53 10.02 -18.40 11.07
C CYS B 53 10.32 -19.69 11.81
N ARG B 54 9.82 -19.81 13.02
CA ARG B 54 10.22 -20.88 13.93
C ARG B 54 9.07 -21.71 14.48
N SER B 55 9.28 -23.03 14.47
CA SER B 55 8.39 -24.04 15.09
C SER B 55 6.96 -23.89 14.62
N HIS B 56 6.80 -23.75 13.30
CA HIS B 56 5.48 -23.46 12.77
C HIS B 56 5.31 -24.09 11.42
N ASP B 57 4.18 -24.79 11.26
CA ASP B 57 3.84 -25.44 10.00
C ASP B 57 2.46 -24.92 9.61
N GLY B 58 2.18 -24.88 8.31
CA GLY B 58 0.96 -24.27 7.84
C GLY B 58 0.98 -22.75 8.02
N SER B 59 -0.21 -22.17 8.06
CA SER B 59 -0.35 -20.74 8.28
C SER B 59 -1.51 -20.46 9.20
N ASP B 60 -1.37 -19.43 10.03
CA ASP B 60 -2.46 -19.06 10.89
C ASP B 60 -3.05 -17.70 10.51
N GLU B 61 -4.39 -17.63 10.49
CA GLU B 61 -5.10 -16.47 10.03
C GLU B 61 -5.95 -15.82 11.10
N LEU B 62 -6.02 -14.50 11.08
CA LEU B 62 -7.04 -13.80 11.82
C LEU B 62 -8.07 -13.48 10.72
N ILE B 63 -9.23 -14.13 10.73
CA ILE B 63 -10.19 -13.89 9.64
C ILE B 63 -11.21 -12.90 10.16
N LEU B 64 -11.37 -11.79 9.44
CA LEU B 64 -12.38 -10.79 9.79
C LEU B 64 -13.46 -10.79 8.71
N ASP B 65 -14.65 -10.33 9.08
CA ASP B 65 -15.72 -10.08 8.12
C ASP B 65 -15.31 -8.86 7.27
N ALA B 66 -15.44 -9.00 5.96
CA ALA B 66 -14.92 -7.98 5.03
C ALA B 66 -15.76 -6.73 5.00
N VAL B 67 -17.07 -6.87 5.26
CA VAL B 67 -18.01 -5.74 5.28
C VAL B 67 -17.89 -4.96 6.58
N LYS B 68 -17.98 -5.65 7.72
CA LYS B 68 -18.12 -4.94 8.99
C LYS B 68 -16.88 -5.01 9.83
N GLY B 69 -15.99 -5.97 9.57
CA GLY B 69 -14.73 -6.06 10.30
C GLY B 69 -14.70 -6.89 11.59
N HIS B 70 -15.81 -7.49 11.96
CA HIS B 70 -15.78 -8.31 13.19
C HIS B 70 -15.00 -9.59 13.00
N ARG B 71 -14.40 -10.04 14.08
CA ARG B 71 -13.63 -11.28 14.13
C ARG B 71 -14.51 -12.48 13.79
N LEU B 72 -14.01 -13.31 12.89
CA LEU B 72 -14.68 -14.56 12.58
C LEU B 72 -13.90 -15.76 13.18
N ASN B 74 -9.89 -16.20 15.20
CA ASN B 74 -8.52 -15.72 15.48
C ASN B 74 -7.66 -16.97 15.57
N GLY B 75 -7.07 -17.33 14.43
CA GLY B 75 -6.18 -18.46 14.33
C GLY B 75 -4.82 -18.11 14.93
N LEU B 76 -4.67 -16.88 15.40
CA LEU B 76 -3.35 -16.40 15.89
C LEU B 76 -3.19 -16.40 17.41
N GLN B 77 -4.26 -16.72 18.12
CA GLN B 77 -4.29 -16.46 19.56
C GLN B 77 -3.24 -17.21 20.38
N TYR B 78 -2.85 -18.40 19.94
CA TYR B 78 -1.86 -19.15 20.73
C TYR B 78 -0.44 -18.60 20.61
N ARG B 79 -0.02 -18.24 19.40
CA ARG B 79 1.31 -17.71 19.17
C ARG B 79 1.38 -16.21 19.46
N LEU B 80 0.27 -15.50 19.31
CA LEU B 80 0.18 -14.07 19.61
C LEU B 80 -0.96 -13.76 20.58
N PRO B 81 -0.84 -14.21 21.86
CA PRO B 81 -2.00 -14.11 22.74
C PRO B 81 -2.39 -12.67 23.10
N TYR B 82 -1.48 -11.72 22.94
CA TYR B 82 -1.82 -10.33 23.27
C TYR B 82 -2.17 -9.43 22.09
N ALA B 83 -2.09 -9.98 20.89
CA ALA B 83 -2.33 -9.19 19.69
C ALA B 83 -3.68 -8.50 19.72
N THR B 84 -3.72 -7.28 19.22
CA THR B 84 -4.96 -6.58 19.04
C THR B 84 -5.05 -6.31 17.54
N TRP B 85 -6.23 -5.92 17.10
CA TRP B 85 -6.46 -5.65 15.71
C TRP B 85 -7.44 -4.52 15.53
N ASN B 86 -7.39 -3.85 14.38
CA ASN B 86 -8.34 -2.77 14.05
C ASN B 86 -8.93 -2.97 12.65
N PHE B 87 -10.04 -2.29 12.38
CA PHE B 87 -10.69 -2.32 11.05
C PHE B 87 -11.33 -0.96 10.82
N SER B 88 -11.11 -0.33 9.65
CA SER B 88 -11.76 0.94 9.31
C SER B 88 -12.40 0.87 7.95
N GLN B 89 -13.62 1.36 7.84
CA GLN B 89 -14.28 1.48 6.56
C GLN B 89 -13.94 2.87 6.03
N LEU B 90 -13.36 2.94 4.83
CA LEU B 90 -13.07 4.21 4.20
C LEU B 90 -13.98 4.40 2.97
N HIS B 91 -14.97 3.52 2.82
CA HIS B 91 -15.89 3.49 1.67
C HIS B 91 -15.26 3.03 0.39
N LEU B 92 -14.22 3.73 -0.04
CA LEU B 92 -13.48 3.31 -1.22
C LEU B 92 -12.61 2.06 -0.98
N GLY B 93 -12.40 1.75 0.31
CA GLY B 93 -11.54 0.64 0.72
C GLY B 93 -11.56 0.42 2.23
N GLN B 94 -10.77 -0.54 2.69
CA GLN B 94 -10.72 -0.83 4.12
C GLN B 94 -9.28 -0.99 4.59
N ILE B 95 -8.99 -0.51 5.79
CA ILE B 95 -7.71 -0.76 6.42
C ILE B 95 -7.96 -1.71 7.56
N PHE B 96 -7.27 -2.84 7.55
CA PHE B 96 -7.31 -3.70 8.72
C PHE B 96 -5.87 -3.97 9.18
N SER B 97 -5.67 -4.28 10.44
CA SER B 97 -4.30 -4.41 10.91
C SER B 97 -4.18 -5.23 12.16
N LEU B 98 -2.95 -5.63 12.46
CA LEU B 98 -2.66 -6.50 13.56
C LEU B 98 -1.50 -5.88 14.33
N THR B 99 -1.68 -5.69 15.62
CA THR B 99 -0.67 -5.07 16.48
C THR B 99 -0.21 -6.10 17.51
N PHE B 100 1.10 -6.28 17.60
CA PHE B 100 1.69 -7.22 18.53
C PHE B 100 3.10 -6.76 18.89
N ASN B 101 3.68 -7.35 19.91
CA ASN B 101 5.09 -7.08 20.29
C ASN B 101 6.02 -8.11 19.67
N VAL B 102 7.07 -7.66 19.00
CA VAL B 102 8.01 -8.55 18.33
C VAL B 102 8.82 -9.40 19.32
N SER B 103 9.01 -10.67 18.97
CA SER B 103 9.95 -11.54 19.68
C SER B 103 10.47 -12.56 18.69
N THR B 104 11.32 -13.47 19.17
CA THR B 104 11.88 -14.51 18.34
C THR B 104 10.80 -15.44 17.79
N ASP B 105 9.78 -15.70 18.61
CA ASP B 105 8.66 -16.57 18.25
C ASP B 105 7.58 -15.89 17.43
N THR B 106 7.63 -14.56 17.33
CA THR B 106 6.67 -13.78 16.51
C THR B 106 7.26 -13.25 15.20
N ALA B 107 8.57 -13.47 14.99
CA ALA B 107 9.22 -13.20 13.70
C ALA B 107 8.57 -14.09 12.64
N GLY B 108 8.32 -13.56 11.45
CA GLY B 108 7.52 -14.31 10.47
C GLY B 108 7.12 -13.54 9.23
N TYR B 110 4.02 -12.17 7.10
CA TYR B 110 2.72 -11.66 7.47
C TYR B 110 2.07 -11.10 6.22
N GLU B 111 0.92 -11.66 5.86
CA GLU B 111 0.32 -11.33 4.57
C GLU B 111 -1.04 -10.74 4.76
N CYS B 112 -1.46 -9.88 3.82
CA CYS B 112 -2.85 -9.36 3.76
C CYS B 112 -3.58 -10.13 2.67
N VAL B 113 -4.80 -10.62 2.95
CA VAL B 113 -5.42 -11.64 2.10
C VAL B 113 -6.91 -11.34 1.87
N LEU B 114 -7.38 -11.45 0.64
CA LEU B 114 -8.83 -11.46 0.46
C LEU B 114 -9.20 -12.94 0.54
N ARG B 115 -10.28 -13.26 1.27
CA ARG B 115 -10.56 -14.62 1.67
C ARG B 115 -12.00 -15.10 1.42
N ASN B 116 -12.14 -16.31 0.94
CA ASN B 116 -13.42 -17.02 1.12
C ASN B 116 -13.11 -18.38 1.74
N TYR B 117 -14.10 -19.26 1.78
CA TYR B 117 -13.96 -20.50 2.50
C TYR B 117 -12.94 -21.46 1.91
N SER B 118 -12.63 -21.32 0.62
CA SER B 118 -11.61 -22.18 -0.04
C SER B 118 -10.39 -21.42 -0.56
N HIS B 119 -10.56 -20.14 -0.92
CA HIS B 119 -9.53 -19.37 -1.62
C HIS B 119 -9.06 -18.18 -0.83
N GLY B 120 -7.80 -17.82 -1.00
CA GLY B 120 -7.27 -16.54 -0.53
C GLY B 120 -6.44 -15.89 -1.63
N LEU B 121 -6.70 -14.61 -1.91
CA LEU B 121 -5.94 -13.83 -2.88
C LEU B 121 -4.91 -13.05 -2.00
N ILE B 122 -3.66 -13.44 -2.07
CA ILE B 122 -2.67 -12.81 -1.16
C ILE B 122 -2.18 -11.51 -1.81
N GLN B 124 -0.32 -8.81 -0.31
CA GLN B 124 0.89 -8.11 0.12
C GLN B 124 1.55 -8.88 1.27
N ARG B 125 2.89 -8.90 1.32
CA ARG B 125 3.62 -9.63 2.35
C ARG B 125 4.57 -8.69 3.13
N PHE B 126 4.61 -8.85 4.45
CA PHE B 126 5.59 -8.18 5.32
C PHE B 126 6.41 -9.27 6.03
N VAL B 127 7.74 -9.14 6.02
CA VAL B 127 8.60 -10.11 6.69
C VAL B 127 9.24 -9.37 7.85
N ILE B 128 8.89 -9.78 9.07
CA ILE B 128 9.38 -9.17 10.30
C ILE B 128 10.43 -10.12 10.88
N LEU B 129 11.65 -9.60 11.08
CA LEU B 129 12.79 -10.37 11.59
C LEU B 129 13.43 -9.75 12.86
N THR B 130 14.10 -10.58 13.66
CA THR B 130 14.79 -10.14 14.89
C THR B 130 16.28 -10.49 14.84
N GLN B 131 16.63 -11.37 13.92
CA GLN B 131 17.99 -11.86 13.80
C GLN B 131 18.39 -12.14 12.37
N LEU B 132 19.62 -11.79 12.04
CA LEU B 132 20.18 -12.09 10.76
C LEU B 132 21.52 -12.79 10.97
N GLU B 133 21.69 -13.95 10.32
CA GLU B 133 22.89 -14.78 10.48
C GLU B 133 23.76 -14.60 9.25
N THR B 134 25.07 -14.43 9.47
CA THR B 134 26.01 -14.26 8.35
C THR B 134 27.28 -15.11 8.50
N LEU B 135 27.91 -15.46 7.38
CA LEU B 135 29.13 -16.28 7.38
C LEU B 135 30.37 -15.52 6.88
N PRO B 145 27.57 -3.78 7.79
CA PRO B 145 26.79 -3.34 6.64
C PRO B 145 26.00 -2.06 6.93
N ALA B 146 25.88 -1.20 5.93
CA ALA B 146 25.22 0.10 6.12
C ALA B 146 23.70 -0.03 6.06
N LEU B 147 23.13 -0.58 7.13
CA LEU B 147 21.69 -0.77 7.25
C LEU B 147 20.99 0.59 7.33
N GLY B 148 19.99 0.80 6.48
CA GLY B 148 19.23 2.05 6.46
C GLY B 148 17.77 1.86 6.87
N ARG B 149 17.01 2.96 6.84
CA ARG B 149 15.54 2.90 6.95
C ARG B 149 15.01 2.53 5.57
N TYR B 150 13.71 2.38 5.39
CA TYR B 150 13.24 1.89 4.09
C TYR B 150 13.61 2.82 2.94
N SER B 151 14.03 2.23 1.84
CA SER B 151 14.18 2.97 0.59
C SER B 151 14.11 1.97 -0.55
N LEU B 152 12.97 1.98 -1.24
CA LEU B 152 12.60 1.02 -2.30
C LEU B 152 13.67 0.02 -2.77
N GLY B 153 13.34 -1.26 -2.72
CA GLY B 153 14.12 -2.27 -3.40
C GLY B 153 14.22 -3.59 -2.70
N ASP B 154 15.38 -4.21 -2.89
CA ASP B 154 15.66 -5.55 -2.44
C ASP B 154 16.47 -5.52 -1.14
N GLN B 155 16.48 -4.38 -0.48
CA GLN B 155 17.42 -4.17 0.61
C GLN B 155 16.84 -4.26 2.01
N ILE B 156 17.24 -5.30 2.74
CA ILE B 156 16.86 -5.45 4.14
C ILE B 156 17.13 -4.16 4.91
N TRP B 157 16.23 -3.84 5.85
CA TRP B 157 16.29 -2.55 6.53
C TRP B 157 15.77 -2.63 7.94
N SER B 158 15.70 -1.50 8.62
CA SER B 158 15.29 -1.46 10.01
C SER B 158 14.67 -0.10 10.24
N PRO B 159 13.67 -0.01 11.13
CA PRO B 159 13.21 1.34 11.51
C PRO B 159 14.20 2.07 12.43
N THR B 160 15.08 1.34 13.12
CA THR B 160 16.04 1.97 14.03
C THR B 160 17.44 1.41 13.76
N PRO B 161 18.03 1.75 12.60
CA PRO B 161 19.26 1.10 12.17
C PRO B 161 20.50 1.49 13.01
N TRP B 162 20.46 2.67 13.64
CA TRP B 162 21.56 3.12 14.51
C TRP B 162 21.77 2.26 15.73
N ARG B 163 20.89 1.28 15.96
CA ARG B 163 20.99 0.37 17.11
C ARG B 163 21.42 -1.04 16.72
N LEU B 164 21.70 -1.25 15.43
CA LEU B 164 22.20 -2.52 14.92
C LEU B 164 23.44 -3.00 15.71
N ARG B 165 23.41 -4.28 16.12
CA ARG B 165 24.54 -4.91 16.85
C ARG B 165 25.07 -6.18 16.17
N ASN B 166 26.25 -6.63 16.61
CA ASN B 166 27.01 -7.69 15.96
C ASN B 166 27.57 -8.70 16.97
N HIS B 167 26.86 -9.83 17.15
CA HIS B 167 27.30 -10.89 18.06
C HIS B 167 27.95 -12.05 17.33
N ASP B 168 28.19 -13.16 18.04
CA ASP B 168 28.83 -14.34 17.43
C ASP B 168 27.94 -15.59 17.38
N CYS B 169 27.29 -15.93 18.49
CA CYS B 169 26.29 -17.02 18.52
C CYS B 169 25.06 -16.61 19.34
N GLY B 170 24.51 -17.54 20.14
CA GLY B 170 23.43 -17.22 21.07
C GLY B 170 22.17 -18.00 20.79
N PHE B 175 33.21 -21.95 9.72
CA PHE B 175 32.25 -20.85 9.74
C PHE B 175 32.81 -19.51 9.19
N GLN B 176 33.11 -18.56 10.09
CA GLN B 176 33.40 -17.14 9.81
C GLN B 176 32.12 -16.29 10.04
N ARG B 177 31.45 -16.53 11.17
CA ARG B 177 30.02 -16.23 11.32
C ARG B 177 29.58 -15.19 12.38
N ASN B 178 28.60 -14.35 12.01
CA ASN B 178 28.07 -13.28 12.87
C ASN B 178 26.55 -13.26 12.98
N TYR B 179 26.08 -12.62 14.04
CA TYR B 179 24.66 -12.59 14.37
C TYR B 179 24.19 -11.14 14.44
N PHE B 180 23.35 -10.72 13.50
CA PHE B 180 22.87 -9.34 13.47
C PHE B 180 21.50 -9.20 14.08
N TYR B 181 21.35 -8.20 14.95
CA TYR B 181 20.08 -7.91 15.61
C TYR B 181 20.02 -6.42 15.94
N ILE B 182 18.87 -5.95 16.42
CA ILE B 182 18.70 -4.56 16.78
C ILE B 182 18.84 -4.31 18.29
N GLY B 183 17.90 -4.83 19.07
CA GLY B 183 18.00 -4.76 20.53
C GLY B 183 17.84 -3.42 21.26
N ARG B 184 17.25 -3.51 22.46
CA ARG B 184 17.00 -2.38 23.40
C ARG B 184 17.45 -1.00 22.93
N GLU B 199 17.75 -25.19 15.28
CA GLU B 199 16.35 -25.15 14.82
C GLU B 199 16.23 -24.48 13.45
N PRO B 200 15.39 -25.05 12.55
CA PRO B 200 15.28 -24.46 11.21
C PRO B 200 14.55 -23.09 11.18
N ASP B 201 14.88 -22.28 10.19
CA ASP B 201 14.28 -20.98 10.01
C ASP B 201 13.46 -21.00 8.71
N ARG B 202 12.14 -21.04 8.87
CA ARG B 202 11.20 -21.20 7.75
C ARG B 202 11.11 -19.95 6.85
N CYS B 203 11.66 -18.85 7.32
CA CYS B 203 11.70 -17.59 6.56
C CYS B 203 12.84 -17.57 5.55
N TRP B 204 13.76 -18.54 5.66
CA TRP B 204 14.99 -18.47 4.87
C TRP B 204 14.80 -18.36 3.38
N THR B 205 13.88 -19.11 2.80
CA THR B 205 13.70 -19.09 1.33
C THR B 205 13.15 -17.76 0.80
N VAL B 206 12.51 -16.98 1.68
CA VAL B 206 12.14 -15.59 1.34
C VAL B 206 13.32 -14.63 1.63
N ILE B 207 13.90 -14.72 2.82
CA ILE B 207 15.01 -13.83 3.25
C ILE B 207 16.09 -13.76 2.19
N GLN B 208 16.53 -14.93 1.72
CA GLN B 208 17.63 -15.02 0.73
C GLN B 208 17.35 -14.33 -0.60
N ARG B 209 16.07 -14.05 -0.89
CA ARG B 209 15.72 -13.38 -2.14
C ARG B 209 16.02 -11.88 -2.09
N TYR B 210 16.45 -11.41 -0.93
CA TYR B 210 16.76 -10.00 -0.70
C TYR B 210 18.20 -9.91 -0.24
N ARG B 211 18.73 -8.69 -0.15
CA ARG B 211 20.12 -8.53 0.22
C ARG B 211 20.39 -7.55 1.33
N LEU B 212 21.54 -7.72 1.97
CA LEU B 212 22.06 -6.71 2.86
C LEU B 212 22.68 -5.57 2.06
N PRO B 213 22.80 -4.38 2.67
CA PRO B 213 23.56 -3.28 2.07
C PRO B 213 25.05 -3.55 2.06
N GLY B 214 25.69 -3.31 0.92
CA GLY B 214 27.14 -3.46 0.77
C GLY B 214 27.92 -2.59 1.73
N ASP B 215 27.93 -1.28 1.47
CA ASP B 215 28.69 -0.30 2.28
C ASP B 215 28.37 -0.37 3.77
N GLU C 21 -13.23 -16.55 23.00
CA GLU C 21 -14.01 -15.69 22.08
C GLU C 21 -14.34 -16.41 20.75
N GLY C 22 -15.62 -16.45 20.40
CA GLY C 22 -16.13 -17.26 19.28
C GLY C 22 -17.25 -18.13 19.82
N LEU C 23 -18.35 -18.26 19.10
CA LEU C 23 -19.50 -19.05 19.58
C LEU C 23 -19.31 -20.55 19.41
N CYS C 24 -18.68 -20.96 18.31
CA CYS C 24 -18.59 -22.36 17.97
C CYS C 24 -17.20 -22.93 18.18
N PRO C 25 -17.12 -24.20 18.65
CA PRO C 25 -15.83 -24.80 18.91
C PRO C 25 -15.18 -25.30 17.63
N PRO C 26 -13.89 -25.67 17.72
CA PRO C 26 -13.27 -26.34 16.59
C PRO C 26 -14.17 -27.45 15.98
N GLY C 27 -14.11 -27.62 14.66
CA GLY C 27 -14.90 -28.66 14.00
C GLY C 27 -16.32 -28.25 13.67
N HIS C 28 -16.66 -27.01 14.06
CA HIS C 28 -18.00 -26.48 13.86
C HIS C 28 -17.95 -25.11 13.23
N HIS C 29 -19.07 -24.76 12.57
CA HIS C 29 -19.37 -23.39 12.14
C HIS C 29 -20.72 -22.99 12.66
N ILE C 30 -20.97 -21.68 12.72
CA ILE C 30 -22.25 -21.15 13.22
C ILE C 30 -23.35 -21.26 12.15
N SER C 31 -24.58 -21.50 12.60
CA SER C 31 -25.74 -21.57 11.70
C SER C 31 -26.15 -20.17 11.26
N GLU C 32 -26.98 -20.12 10.22
CA GLU C 32 -27.48 -18.88 9.60
C GLU C 32 -28.21 -17.99 10.60
N ASP C 33 -28.92 -18.58 11.57
CA ASP C 33 -29.63 -17.78 12.58
C ASP C 33 -28.75 -17.38 13.77
N GLY C 34 -27.48 -17.75 13.74
CA GLY C 34 -26.56 -17.43 14.83
C GLY C 34 -26.79 -18.18 16.13
N ARG C 35 -27.66 -19.19 16.10
CA ARG C 35 -28.06 -19.93 17.31
C ARG C 35 -27.33 -21.24 17.50
N ASP C 36 -26.95 -21.87 16.40
CA ASP C 36 -26.50 -23.25 16.40
C ASP C 36 -25.07 -23.41 15.91
N CYS C 37 -24.42 -24.46 16.39
CA CYS C 37 -23.12 -24.87 15.87
C CYS C 37 -23.29 -26.13 15.04
N ILE C 38 -22.92 -26.05 13.78
CA ILE C 38 -23.08 -27.16 12.86
C ILE C 38 -21.69 -27.69 12.57
N SER C 39 -21.54 -29.02 12.62
CA SER C 39 -20.26 -29.68 12.36
C SER C 39 -19.80 -29.50 10.92
N CYS C 40 -18.49 -29.31 10.77
CA CYS C 40 -17.81 -29.38 9.49
C CYS C 40 -17.98 -30.79 8.89
N LYS C 41 -17.77 -30.92 7.59
CA LYS C 41 -17.80 -32.22 6.98
C LYS C 41 -16.42 -32.86 6.92
N TYR C 42 -16.29 -34.02 7.55
CA TYR C 42 -15.03 -34.77 7.57
C TYR C 42 -14.54 -35.03 6.15
N GLY C 43 -13.28 -34.68 5.90
CA GLY C 43 -12.70 -34.83 4.55
C GLY C 43 -13.07 -33.76 3.53
N GLN C 44 -13.91 -32.81 3.93
CA GLN C 44 -14.27 -31.71 3.06
C GLN C 44 -13.76 -30.37 3.61
N ASP C 45 -14.03 -30.10 4.88
CA ASP C 45 -13.66 -28.84 5.51
C ASP C 45 -13.47 -28.94 7.02
N TYR C 46 -13.06 -27.83 7.62
CA TYR C 46 -12.55 -27.87 8.99
C TYR C 46 -12.47 -26.47 9.52
N SER C 47 -12.16 -26.36 10.80
CA SER C 47 -11.91 -25.11 11.47
C SER C 47 -11.14 -25.47 12.73
N THR C 48 -10.06 -24.75 12.97
CA THR C 48 -9.12 -25.16 14.02
C THR C 48 -9.42 -24.51 15.35
N HIS C 49 -10.12 -23.37 15.32
CA HIS C 49 -10.33 -22.56 16.53
C HIS C 49 -11.78 -22.29 16.78
N TRP C 50 -12.08 -21.84 18.00
CA TRP C 50 -13.39 -21.26 18.30
C TRP C 50 -13.64 -20.17 17.32
N ASN C 51 -14.89 -20.02 16.87
CA ASN C 51 -15.11 -19.20 15.69
C ASN C 51 -16.57 -18.78 15.49
N ASP C 52 -16.79 -17.77 14.66
CA ASP C 52 -18.13 -17.34 14.23
C ASP C 52 -18.30 -17.45 12.71
N LEU C 53 -17.63 -18.44 12.11
CA LEU C 53 -17.68 -18.61 10.67
C LEU C 53 -19.03 -19.14 10.23
N LEU C 54 -19.50 -18.70 9.07
CA LEU C 54 -20.77 -19.16 8.51
C LEU C 54 -20.55 -20.47 7.77
N PHE C 55 -19.29 -20.76 7.44
CA PHE C 55 -18.88 -22.04 6.85
C PHE C 55 -17.49 -22.44 7.35
N CYS C 56 -17.18 -23.74 7.24
CA CYS C 56 -15.84 -24.24 7.57
C CYS C 56 -14.86 -23.97 6.43
N LEU C 57 -13.57 -24.06 6.70
CA LEU C 57 -12.55 -23.80 5.68
C LEU C 57 -12.23 -25.08 4.96
N ARG C 58 -12.18 -25.00 3.62
CA ARG C 58 -11.87 -26.17 2.79
C ARG C 58 -10.51 -26.75 3.16
N CYS C 59 -10.46 -28.08 3.25
CA CYS C 59 -9.23 -28.86 3.40
C CYS C 59 -8.32 -28.69 2.20
N THR C 60 -7.03 -28.65 2.48
CA THR C 60 -5.99 -28.71 1.49
C THR C 60 -5.93 -30.09 0.82
N ARG C 61 -5.87 -30.07 -0.50
CA ARG C 61 -5.71 -31.29 -1.29
C ARG C 61 -4.26 -31.33 -1.71
N CYS C 62 -3.55 -32.36 -1.27
CA CYS C 62 -2.15 -32.56 -1.64
C CYS C 62 -1.96 -32.63 -3.14
N ASP C 63 -0.89 -32.00 -3.62
CA ASP C 63 -0.54 -31.95 -5.03
C ASP C 63 0.42 -33.06 -5.43
N SER C 64 0.66 -33.19 -6.74
CA SER C 64 1.73 -34.03 -7.27
C SER C 64 3.05 -33.42 -6.82
N GLY C 65 3.96 -34.26 -6.34
CA GLY C 65 5.20 -33.78 -5.71
C GLY C 65 5.06 -33.74 -4.21
N GLU C 66 3.82 -33.92 -3.73
CA GLU C 66 3.53 -33.92 -2.30
C GLU C 66 3.00 -35.26 -1.78
N VAL C 67 3.45 -35.65 -0.60
CA VAL C 67 2.90 -36.78 0.13
C VAL C 67 1.98 -36.32 1.27
N GLU C 68 0.80 -36.90 1.32
CA GLU C 68 -0.13 -36.76 2.42
C GLU C 68 0.37 -37.52 3.64
N LEU C 69 0.86 -36.80 4.65
CA LEU C 69 1.35 -37.40 5.87
C LEU C 69 0.23 -37.67 6.87
N SER C 70 -0.91 -36.99 6.66
CA SER C 70 -2.01 -37.03 7.61
C SER C 70 -3.24 -36.40 6.99
N PRO C 71 -4.40 -37.06 7.12
CA PRO C 71 -5.58 -36.57 6.42
C PRO C 71 -6.22 -35.36 7.12
N CYS C 72 -7.02 -34.60 6.39
CA CYS C 72 -7.89 -33.62 7.00
C CYS C 72 -8.87 -34.28 7.99
N THR C 73 -9.03 -33.69 9.18
CA THR C 73 -10.16 -34.00 10.05
C THR C 73 -10.98 -32.70 10.12
N THR C 74 -12.12 -32.71 10.82
CA THR C 74 -12.92 -31.48 10.99
C THR C 74 -12.21 -30.43 11.87
N THR C 75 -11.06 -30.79 12.44
CA THR C 75 -10.41 -29.97 13.45
C THR C 75 -8.94 -29.59 13.11
N ARG C 76 -8.43 -30.13 12.01
CA ARG C 76 -7.10 -29.82 11.53
C ARG C 76 -6.99 -30.09 10.03
N ASN C 77 -6.15 -29.29 9.39
CA ASN C 77 -5.91 -29.42 7.97
C ASN C 77 -5.07 -30.66 7.65
N THR C 78 -5.30 -31.18 6.44
CA THR C 78 -4.36 -32.10 5.80
C THR C 78 -2.90 -31.66 6.01
N VAL C 79 -2.02 -32.64 6.23
CA VAL C 79 -0.57 -32.35 6.25
C VAL C 79 0.07 -32.88 4.98
N CYS C 80 0.45 -31.96 4.10
CA CYS C 80 1.10 -32.28 2.83
C CYS C 80 2.59 -31.97 2.95
N GLN C 81 3.44 -32.94 2.62
CA GLN C 81 4.88 -32.73 2.63
C GLN C 81 5.47 -32.88 1.24
N CYS C 82 6.55 -32.13 1.00
CA CYS C 82 7.28 -32.22 -0.27
C CYS C 82 8.02 -33.55 -0.31
N GLU C 83 7.82 -34.27 -1.42
CA GLU C 83 8.51 -35.54 -1.72
C GLU C 83 10.00 -35.46 -1.47
N GLU C 84 10.58 -36.59 -1.08
CA GLU C 84 12.03 -36.72 -0.89
C GLU C 84 12.78 -36.26 -2.15
N GLY C 85 13.87 -35.53 -1.93
CA GLY C 85 14.64 -34.92 -3.02
C GLY C 85 14.14 -33.53 -3.41
N THR C 86 12.96 -33.14 -2.91
CA THR C 86 12.40 -31.79 -3.14
C THR C 86 12.15 -31.08 -1.81
N PHE C 87 12.04 -29.76 -1.85
CA PHE C 87 11.84 -28.96 -0.64
C PHE C 87 10.75 -27.91 -0.83
N ARG C 88 10.24 -27.41 0.29
CA ARG C 88 9.15 -26.42 0.33
C ARG C 88 9.69 -25.02 0.15
N GLU C 89 9.26 -24.37 -0.92
N GLU C 89 9.25 -24.34 -0.91
CA GLU C 89 9.50 -22.94 -1.12
CA GLU C 89 9.57 -22.93 -1.11
C GLU C 89 8.47 -22.14 -0.30
C GLU C 89 8.50 -22.04 -0.46
N GLU C 90 8.93 -21.11 0.41
CA GLU C 90 8.00 -20.22 1.12
C GLU C 90 7.68 -18.92 0.39
N ASP C 91 8.45 -18.60 -0.65
CA ASP C 91 8.08 -17.49 -1.53
C ASP C 91 6.92 -17.99 -2.37
N SER C 92 6.19 -17.08 -2.98
CA SER C 92 5.17 -17.43 -3.96
C SER C 92 5.80 -18.31 -5.06
N PRO C 93 5.08 -19.33 -5.57
CA PRO C 93 3.75 -19.80 -5.16
C PRO C 93 3.80 -20.92 -4.11
N GLU C 94 4.83 -20.95 -3.26
CA GLU C 94 4.85 -21.92 -2.15
C GLU C 94 4.74 -23.41 -2.56
N CYS C 96 6.59 -27.18 -4.21
CA CYS C 96 7.81 -27.93 -3.96
C CYS C 96 8.84 -27.65 -5.05
N ARG C 97 10.11 -27.49 -4.67
CA ARG C 97 11.18 -27.32 -5.67
C ARG C 97 12.18 -28.47 -5.60
N LYS C 98 12.70 -28.89 -6.76
CA LYS C 98 13.75 -29.89 -6.78
C LYS C 98 14.99 -29.34 -6.06
N CYS C 99 15.56 -30.11 -5.14
CA CYS C 99 16.81 -29.75 -4.48
C CYS C 99 17.96 -29.71 -5.48
N ARG C 100 18.98 -28.91 -5.18
CA ARG C 100 20.22 -28.95 -5.95
C ARG C 100 20.95 -30.22 -5.58
N THR C 101 21.67 -30.79 -6.54
CA THR C 101 22.43 -32.01 -6.29
C THR C 101 23.79 -31.73 -5.67
N GLY C 102 24.21 -30.46 -5.68
CA GLY C 102 25.48 -30.03 -5.09
C GLY C 102 25.85 -28.60 -5.44
N CYS C 103 27.03 -28.17 -5.01
CA CYS C 103 27.53 -26.81 -5.24
C CYS C 103 28.49 -26.73 -6.42
N PRO C 104 28.55 -25.57 -7.11
CA PRO C 104 29.56 -25.38 -8.13
C PRO C 104 30.97 -25.33 -7.53
N ARG C 105 31.99 -25.44 -8.39
CA ARG C 105 33.39 -25.35 -7.99
C ARG C 105 33.66 -24.02 -7.31
N GLY C 106 34.46 -24.05 -6.25
CA GLY C 106 34.82 -22.83 -5.54
C GLY C 106 33.80 -22.50 -4.47
N VAL C 108 31.42 -24.20 -1.14
CA VAL C 108 31.28 -25.25 -0.17
C VAL C 108 29.77 -25.50 0.07
N LYS C 109 29.39 -26.75 0.29
CA LYS C 109 28.01 -27.10 0.64
C LYS C 109 27.82 -26.94 2.15
N VAL C 110 26.78 -26.22 2.56
CA VAL C 110 26.51 -26.04 3.99
C VAL C 110 25.22 -26.75 4.40
N GLY C 111 24.09 -26.30 3.87
CA GLY C 111 22.81 -26.93 4.16
C GLY C 111 22.70 -28.24 3.42
N ASP C 112 21.80 -29.11 3.85
CA ASP C 112 21.46 -30.30 3.06
C ASP C 112 19.95 -30.47 2.77
N CYS C 113 19.64 -31.29 1.78
CA CYS C 113 18.29 -31.37 1.24
C CYS C 113 17.29 -32.04 2.20
N THR C 114 16.42 -31.23 2.80
CA THR C 114 15.30 -31.70 3.60
C THR C 114 13.99 -31.27 2.90
N PRO C 115 12.81 -31.73 3.40
CA PRO C 115 11.57 -31.21 2.80
C PRO C 115 11.28 -29.72 3.10
N TRP C 116 12.10 -29.09 3.95
CA TRP C 116 11.98 -27.65 4.19
C TRP C 116 13.21 -26.82 3.84
N SER C 117 14.21 -27.43 3.19
CA SER C 117 15.42 -26.68 2.80
C SER C 117 16.20 -27.30 1.65
N ASP C 118 16.53 -26.48 0.66
CA ASP C 118 17.57 -26.81 -0.32
C ASP C 118 18.93 -26.83 0.37
N ILE C 119 19.93 -27.38 -0.32
CA ILE C 119 21.30 -27.30 0.16
C ILE C 119 21.78 -25.85 -0.02
N GLU C 120 22.58 -25.37 0.94
CA GLU C 120 23.19 -24.04 0.82
C GLU C 120 24.59 -24.12 0.20
N CYS C 121 24.88 -23.19 -0.69
CA CYS C 121 26.19 -23.08 -1.36
C CYS C 121 26.84 -21.72 -1.11
N VAL C 122 27.96 -21.71 -0.38
CA VAL C 122 28.67 -20.48 -0.04
C VAL C 122 30.00 -20.37 -0.82
N HIS C 123 30.26 -19.22 -1.42
CA HIS C 123 31.52 -18.96 -2.13
C HIS C 123 32.64 -18.65 -1.16
N LYS C 124 33.88 -18.74 -1.64
CA LYS C 124 35.03 -18.27 -0.85
C LYS C 124 35.52 -16.90 -1.32
N GLU C 125 35.05 -16.46 -2.49
CA GLU C 125 35.43 -15.18 -3.11
C GLU C 125 34.68 -13.99 -2.49
N SER D 18 6.13 37.27 16.58
CA SER D 18 5.66 36.08 17.33
C SER D 18 4.54 35.40 16.53
N PRO D 19 4.50 34.04 16.54
CA PRO D 19 3.39 33.28 15.93
C PRO D 19 2.00 33.75 16.40
N SER D 20 0.99 33.59 15.53
CA SER D 20 -0.41 33.88 15.89
C SER D 20 -1.00 32.84 16.88
N GLU D 21 -1.35 31.66 16.37
CA GLU D 21 -1.82 30.57 17.21
C GLU D 21 -0.85 29.41 17.07
N GLY D 22 0.40 29.68 17.45
CA GLY D 22 1.52 28.78 17.17
C GLY D 22 1.96 28.83 15.71
N LEU D 23 1.29 29.63 14.89
CA LEU D 23 1.52 29.65 13.46
C LEU D 23 2.19 30.94 12.94
N CYS D 24 3.04 30.78 11.94
CA CYS D 24 3.61 31.92 11.24
C CYS D 24 2.80 32.17 9.99
N PRO D 25 2.71 33.45 9.55
CA PRO D 25 1.87 33.87 8.38
C PRO D 25 2.43 33.45 7.03
N PRO D 26 1.56 33.36 5.98
CA PRO D 26 2.06 33.15 4.62
C PRO D 26 3.25 34.07 4.34
N GLY D 27 4.26 33.56 3.63
CA GLY D 27 5.44 34.37 3.33
C GLY D 27 6.49 34.26 4.40
N HIS D 28 6.23 33.41 5.41
CA HIS D 28 7.11 33.21 6.55
C HIS D 28 7.15 31.75 6.88
N HIS D 29 8.17 31.37 7.64
CA HIS D 29 8.24 30.09 8.28
C HIS D 29 8.63 30.32 9.74
N ILE D 30 8.51 29.29 10.57
CA ILE D 30 8.78 29.43 12.01
C ILE D 30 10.25 29.11 12.30
N SER D 31 10.79 29.67 13.38
CA SER D 31 12.16 29.37 13.83
C SER D 31 12.18 28.07 14.66
N GLU D 32 13.34 27.43 14.79
CA GLU D 32 13.45 26.17 15.54
C GLU D 32 12.86 26.22 16.95
N ASP D 33 13.08 27.33 17.67
CA ASP D 33 12.60 27.45 19.04
C ASP D 33 11.14 27.85 19.19
N GLY D 34 10.47 28.17 18.07
CA GLY D 34 9.06 28.53 18.10
C GLY D 34 8.74 29.98 18.44
N ARG D 35 9.77 30.78 18.70
CA ARG D 35 9.61 32.19 19.07
C ARG D 35 9.32 33.13 17.89
N ASP D 36 10.01 32.93 16.78
CA ASP D 36 10.01 33.92 15.72
C ASP D 36 9.42 33.46 14.40
N CYS D 37 8.88 34.41 13.67
CA CYS D 37 8.48 34.18 12.31
C CYS D 37 9.47 34.87 11.40
N ILE D 38 10.07 34.09 10.53
CA ILE D 38 11.10 34.58 9.63
C ILE D 38 10.55 34.57 8.22
N SER D 39 10.79 35.67 7.51
CA SER D 39 10.33 35.84 6.13
C SER D 39 11.05 34.88 5.18
N CYS D 40 10.29 34.35 4.21
CA CYS D 40 10.87 33.59 3.11
C CYS D 40 11.71 34.55 2.25
N LYS D 41 12.68 34.00 1.51
CA LYS D 41 13.50 34.76 0.57
C LYS D 41 12.84 34.82 -0.80
N TYR D 42 12.47 36.02 -1.20
CA TYR D 42 11.85 36.28 -2.49
C TYR D 42 12.73 35.81 -3.63
N GLY D 43 12.15 35.08 -4.60
CA GLY D 43 12.91 34.50 -5.69
C GLY D 43 13.41 33.10 -5.39
N GLN D 44 13.39 32.71 -4.13
CA GLN D 44 13.90 31.40 -3.78
C GLN D 44 12.82 30.47 -3.18
N ASP D 45 12.06 30.96 -2.21
CA ASP D 45 11.10 30.09 -1.56
C ASP D 45 9.87 30.80 -1.07
N TYR D 46 8.90 30.05 -0.55
CA TYR D 46 7.62 30.64 -0.24
C TYR D 46 6.78 29.72 0.65
N SER D 47 5.73 30.29 1.25
CA SER D 47 4.69 29.57 1.96
C SER D 47 3.34 30.27 1.66
N THR D 48 2.33 29.49 1.28
CA THR D 48 1.04 30.05 0.87
C THR D 48 0.05 30.19 2.05
N HIS D 49 0.30 29.45 3.13
CA HIS D 49 -0.62 29.38 4.26
C HIS D 49 0.10 29.61 5.58
N TRP D 50 -0.70 29.85 6.62
CA TRP D 50 -0.27 29.82 7.99
C TRP D 50 0.32 28.48 8.28
N ASN D 51 1.41 28.45 9.05
CA ASN D 51 2.26 27.29 9.05
C ASN D 51 3.22 27.19 10.25
N ASP D 52 3.71 25.96 10.48
CA ASP D 52 4.80 25.68 11.45
C ASP D 52 6.05 25.08 10.79
N LEU D 53 6.44 25.59 9.63
CA LEU D 53 7.49 24.98 8.87
C LEU D 53 8.80 25.53 9.37
N LEU D 54 9.83 24.69 9.38
CA LEU D 54 11.18 25.14 9.70
C LEU D 54 11.82 25.86 8.53
N PHE D 55 11.27 25.68 7.33
CA PHE D 55 11.80 26.30 6.14
C PHE D 55 10.65 26.56 5.20
N CYS D 56 10.84 27.54 4.33
CA CYS D 56 9.87 27.82 3.30
C CYS D 56 10.07 26.82 2.17
N LEU D 57 9.06 26.69 1.33
CA LEU D 57 9.13 25.72 0.22
C LEU D 57 9.85 26.33 -0.97
N ARG D 58 10.69 25.54 -1.61
CA ARG D 58 11.41 26.03 -2.77
C ARG D 58 10.45 26.34 -3.91
N CYS D 59 10.67 27.49 -4.56
CA CYS D 59 10.02 27.87 -5.80
C CYS D 59 10.37 26.91 -6.91
N THR D 60 9.36 26.58 -7.70
CA THR D 60 9.51 25.88 -8.97
C THR D 60 10.32 26.73 -9.96
N ARG D 61 11.28 26.13 -10.64
CA ARG D 61 11.96 26.81 -11.72
C ARG D 61 11.38 26.24 -13.01
N CYS D 62 10.85 27.08 -13.88
CA CYS D 62 10.29 26.59 -15.15
C CYS D 62 11.36 25.91 -15.98
N ASP D 63 11.12 24.65 -16.35
CA ASP D 63 11.99 23.90 -17.26
C ASP D 63 11.82 24.47 -18.66
N SER D 64 12.80 24.25 -19.54
CA SER D 64 12.60 24.64 -20.93
C SER D 64 11.45 23.79 -21.49
N GLY D 65 10.71 24.37 -22.43
CA GLY D 65 9.44 23.81 -22.81
C GLY D 65 8.33 24.52 -22.05
N GLU D 66 8.70 25.18 -20.96
CA GLU D 66 7.78 26.00 -20.16
C GLU D 66 8.05 27.49 -20.22
N VAL D 67 6.97 28.27 -20.22
CA VAL D 67 6.97 29.73 -20.16
C VAL D 67 6.58 30.16 -18.75
N GLU D 68 7.39 31.01 -18.12
CA GLU D 68 7.05 31.61 -16.82
C GLU D 68 5.99 32.71 -16.96
N LEU D 69 4.71 32.39 -16.74
CA LEU D 69 3.67 33.44 -16.72
C LEU D 69 3.81 34.42 -15.54
N SER D 70 4.29 33.95 -14.40
CA SER D 70 4.30 34.79 -13.21
C SER D 70 5.41 34.39 -12.25
N PRO D 71 6.11 35.37 -11.66
CA PRO D 71 7.21 34.92 -10.81
C PRO D 71 6.74 34.41 -9.44
N CYS D 72 7.55 33.54 -8.85
CA CYS D 72 7.47 33.21 -7.43
C CYS D 72 7.51 34.52 -6.65
N THR D 73 6.70 34.62 -5.60
CA THR D 73 6.90 35.63 -4.54
C THR D 73 6.90 34.82 -3.24
N THR D 74 7.20 35.45 -2.10
CA THR D 74 7.21 34.71 -0.81
C THR D 74 5.86 34.08 -0.43
N THR D 75 4.84 34.27 -1.26
CA THR D 75 3.46 33.99 -0.89
C THR D 75 2.75 33.09 -1.91
N ARG D 76 3.39 32.87 -3.06
CA ARG D 76 2.86 32.04 -4.13
C ARG D 76 3.95 31.55 -5.05
N ASN D 77 3.76 30.33 -5.54
CA ASN D 77 4.68 29.69 -6.45
C ASN D 77 4.76 30.37 -7.82
N THR D 78 5.88 30.13 -8.50
CA THR D 78 6.04 30.41 -9.91
C THR D 78 4.89 29.73 -10.69
N VAL D 79 4.31 30.43 -11.68
CA VAL D 79 3.34 29.82 -12.63
C VAL D 79 4.05 29.50 -13.95
N CYS D 80 4.21 28.21 -14.24
CA CYS D 80 4.90 27.75 -15.43
C CYS D 80 3.86 27.17 -16.40
N GLN D 81 3.89 27.63 -17.63
CA GLN D 81 2.95 27.12 -18.61
C GLN D 81 3.72 26.48 -19.75
N CYS D 82 3.24 25.33 -20.20
CA CYS D 82 3.75 24.65 -21.40
C CYS D 82 3.72 25.57 -22.64
N GLU D 83 4.82 25.57 -23.40
CA GLU D 83 4.94 26.27 -24.70
C GLU D 83 3.81 25.92 -25.67
N GLU D 84 3.41 26.89 -26.49
CA GLU D 84 2.41 26.61 -27.52
C GLU D 84 2.85 25.39 -28.34
N GLY D 85 1.89 24.55 -28.70
CA GLY D 85 2.19 23.29 -29.38
C GLY D 85 2.59 22.14 -28.47
N THR D 86 2.77 22.42 -27.18
CA THR D 86 2.89 21.38 -26.16
C THR D 86 1.73 21.46 -25.17
N PHE D 87 1.50 20.40 -24.41
CA PHE D 87 0.45 20.38 -23.39
C PHE D 87 0.98 19.74 -22.13
N ARG D 88 0.36 20.10 -21.01
CA ARG D 88 0.69 19.56 -19.68
C ARG D 88 0.13 18.15 -19.47
N GLU D 89 1.03 17.19 -19.31
CA GLU D 89 0.66 15.82 -18.94
C GLU D 89 0.48 15.76 -17.42
N GLU D 90 -0.66 15.25 -16.95
CA GLU D 90 -0.89 15.11 -15.51
C GLU D 90 -0.43 13.77 -14.92
N ASP D 91 -0.02 12.85 -15.77
CA ASP D 91 0.54 11.60 -15.31
C ASP D 91 2.04 11.84 -15.09
N SER D 92 2.67 10.98 -14.31
CA SER D 92 4.13 10.97 -14.15
C SER D 92 4.78 11.08 -15.53
N PRO D 93 5.82 11.94 -15.72
CA PRO D 93 6.45 12.86 -14.77
C PRO D 93 5.93 14.29 -14.85
N GLU D 94 4.66 14.51 -15.20
CA GLU D 94 4.04 15.85 -15.13
C GLU D 94 4.74 16.91 -16.01
N CYS D 96 5.79 18.74 -19.88
CA CYS D 96 5.15 19.18 -21.11
C CYS D 96 5.40 18.17 -22.20
N ARG D 97 4.39 17.93 -23.03
CA ARG D 97 4.58 16.99 -24.12
C ARG D 97 4.12 17.62 -25.43
N LYS D 98 4.92 17.44 -26.48
CA LYS D 98 4.56 17.96 -27.79
C LYS D 98 3.18 17.40 -28.05
N CYS D 99 2.21 18.24 -28.37
CA CYS D 99 0.91 17.71 -28.80
C CYS D 99 1.18 16.82 -30.00
N ARG D 100 0.47 15.71 -30.09
CA ARG D 100 0.60 14.86 -31.27
C ARG D 100 -0.05 15.54 -32.48
N THR D 101 0.36 15.08 -33.67
CA THR D 101 -0.17 15.55 -34.96
C THR D 101 -1.70 15.43 -35.02
N GLY D 102 -2.30 16.00 -36.07
CA GLY D 102 -3.74 15.97 -36.27
C GLY D 102 -4.30 14.56 -36.39
N CYS D 103 -5.63 14.46 -36.42
CA CYS D 103 -6.31 13.18 -36.50
C CYS D 103 -6.22 12.54 -37.89
N PRO D 104 -6.00 11.20 -37.94
CA PRO D 104 -6.00 10.46 -39.21
C PRO D 104 -7.32 10.60 -39.96
N ARG D 105 -7.25 10.63 -41.29
CA ARG D 105 -8.41 10.47 -42.17
C ARG D 105 -9.24 9.27 -41.68
N GLY D 106 -10.55 9.45 -41.56
CA GLY D 106 -11.42 8.43 -40.98
C GLY D 106 -11.79 8.74 -39.54
N VAL D 108 -12.34 11.59 -36.27
CA VAL D 108 -12.77 12.95 -36.01
C VAL D 108 -12.04 13.60 -34.81
N LYS D 109 -11.61 14.84 -35.01
CA LYS D 109 -10.89 15.59 -34.00
C LYS D 109 -11.89 16.14 -32.99
N VAL D 110 -11.63 15.84 -31.72
CA VAL D 110 -12.57 16.10 -30.66
C VAL D 110 -11.88 16.80 -29.48
N GLY D 111 -10.55 16.87 -29.55
CA GLY D 111 -9.73 17.68 -28.63
C GLY D 111 -8.68 18.48 -29.40
N ASP D 112 -8.51 19.75 -29.03
CA ASP D 112 -7.51 20.62 -29.68
C ASP D 112 -6.37 21.05 -28.75
N CYS D 113 -5.16 21.10 -29.32
CA CYS D 113 -3.91 21.27 -28.59
C CYS D 113 -3.80 22.62 -27.88
N THR D 114 -3.89 22.57 -26.55
CA THR D 114 -3.72 23.75 -25.70
C THR D 114 -2.65 23.42 -24.65
N PRO D 115 -2.24 24.43 -23.85
CA PRO D 115 -1.22 24.14 -22.82
C PRO D 115 -1.69 23.12 -21.77
N TRP D 116 -2.96 22.74 -21.81
CA TRP D 116 -3.54 21.79 -20.86
C TRP D 116 -4.20 20.58 -21.51
N SER D 117 -4.19 20.51 -22.85
CA SER D 117 -4.74 19.33 -23.55
C SER D 117 -4.00 18.97 -24.84
N ASP D 118 -3.81 17.66 -25.05
CA ASP D 118 -3.36 17.13 -26.33
C ASP D 118 -4.53 17.16 -27.31
N ILE D 119 -4.27 16.89 -28.58
CA ILE D 119 -5.38 16.73 -29.51
C ILE D 119 -6.07 15.37 -29.23
N GLU D 120 -7.40 15.32 -29.31
CA GLU D 120 -8.15 14.07 -29.08
C GLU D 120 -8.91 13.57 -30.32
N CYS D 121 -8.73 12.29 -30.65
CA CYS D 121 -9.35 11.70 -31.85
C CYS D 121 -10.33 10.61 -31.52
N VAL D 122 -11.45 10.59 -32.24
CA VAL D 122 -12.43 9.52 -32.09
C VAL D 122 -12.70 8.87 -33.47
N HIS D 123 -12.75 7.54 -33.50
CA HIS D 123 -13.09 6.80 -34.72
C HIS D 123 -14.58 6.73 -34.96
N LYS D 124 -14.97 6.51 -36.21
CA LYS D 124 -16.38 6.28 -36.57
C LYS D 124 -16.80 4.83 -36.29
N GLU D 125 -15.95 4.11 -35.55
CA GLU D 125 -16.24 2.74 -35.14
C GLU D 125 -16.65 2.70 -33.65
#